data_3F7B
#
_entry.id   3F7B
#
_cell.length_a   125.910
_cell.length_b   128.556
_cell.length_c   46.365
_cell.angle_alpha   90.00
_cell.angle_beta   99.88
_cell.angle_gamma   90.00
#
_symmetry.space_group_name_H-M   'C 1 2 1'
#
loop_
_entity.id
_entity.type
_entity.pdbx_description
1 polymer 'Carbonic anhydrase 4'
2 non-polymer 'ZINC ION'
3 non-polymer N-(2-phenylethyl)-2-(phenylsulfanyl)-5-sulfamoylpyridine-3-carboxamide
4 water water
#
_entity_poly.entity_id   1
_entity_poly.type   'polypeptide(L)'
_entity_poly.pdbx_seq_one_letter_code
;AESHWCYEVQAESSNYPCLVPVKWGGNCQKDRQSPINIVTTKAKVDKKLGRFFFSGYDKKQTWTVQNNGHSVMMLLENKA
SISGGGLPAPYQAKQLHLHWSDLPYKGSEHSLDGEHFAMEMHIVHEKEKGTSRNVKEAQDPEDEIAVLAFLVEAGTQVNE
GFQPLVEALSNIPKPEMSTTMAESSLLDLLPKEEKLRHYFRYLGSLTTPTCDEKVVWTVFREPIQLHREQILAFSQKLYY
DKEQTVSMKDNVRPLQQLGQRTVIKS
;
_entity_poly.pdbx_strand_id   A,B
#
loop_
_chem_comp.id
_chem_comp.type
_chem_comp.name
_chem_comp.formula
AG5 non-polymer N-(2-phenylethyl)-2-(phenylsulfanyl)-5-sulfamoylpyridine-3-carboxamide 'C20 H19 N3 O3 S2'
ZN non-polymer 'ZINC ION' 'Zn 2'
#
# COMPACT_ATOMS: atom_id res chain seq x y z
N GLU A 2 9.60 13.99 35.68
CA GLU A 2 9.33 14.16 34.21
C GLU A 2 7.83 14.03 33.89
N SER A 3 7.21 15.00 33.22
CA SER A 3 5.76 14.75 33.05
C SER A 3 5.37 14.23 31.71
N HIS A 4 4.24 13.56 31.65
CA HIS A 4 3.89 12.93 30.38
C HIS A 4 2.71 13.58 29.69
N TRP A 5 2.55 13.29 28.40
CA TRP A 5 1.52 14.05 27.65
C TRP A 5 0.14 13.69 28.17
N CYS A 6 -0.76 14.67 28.08
CA CYS A 6 -2.15 14.49 28.40
C CYS A 6 -3.00 15.44 27.55
N TYR A 7 -4.28 15.20 27.53
CA TYR A 7 -5.26 16.15 26.89
C TYR A 7 -5.63 17.15 27.99
N GLU A 8 -6.16 18.25 27.53
CA GLU A 8 -6.46 19.40 28.41
C GLU A 8 -7.36 18.96 29.52
N VAL A 9 -8.35 18.13 29.22
CA VAL A 9 -9.34 17.81 30.24
C VAL A 9 -8.65 17.08 31.39
N GLN A 10 -7.56 16.39 31.08
CA GLN A 10 -6.98 15.69 32.18
C GLN A 10 -6.10 16.53 33.18
N ALA A 11 -5.40 17.54 32.67
CA ALA A 11 -4.73 18.52 33.52
C ALA A 11 -5.75 19.28 34.34
N GLU A 12 -6.93 19.56 33.76
CA GLU A 12 -7.94 20.38 34.46
C GLU A 12 -8.63 19.61 35.57
N SER A 13 -8.57 18.28 35.51
CA SER A 13 -9.48 17.46 36.34
C SER A 13 -8.75 16.78 37.44
N SER A 14 -7.45 17.08 37.61
CA SER A 14 -6.66 16.34 38.59
C SER A 14 -5.36 17.01 39.05
N ASN A 15 -4.66 16.39 40.01
CA ASN A 15 -3.38 16.98 40.48
C ASN A 15 -2.16 16.57 39.61
N TYR A 16 -2.33 15.53 38.83
CA TYR A 16 -1.24 15.13 37.94
C TYR A 16 -0.71 16.31 37.04
N PRO A 17 0.57 16.73 37.24
CA PRO A 17 1.23 17.52 36.21
C PRO A 17 1.44 16.58 35.01
N CYS A 18 1.01 17.11 33.86
CA CYS A 18 1.12 16.44 32.57
C CYS A 18 1.25 17.57 31.48
N LEU A 19 1.82 17.22 30.33
CA LEU A 19 2.05 18.17 29.21
C LEU A 19 0.77 18.28 28.43
N VAL A 20 0.06 19.36 28.63
CA VAL A 20 -1.11 19.67 27.76
C VAL A 20 -0.74 19.86 26.30
N PRO A 21 -1.74 19.80 25.37
CA PRO A 21 -1.32 19.78 23.96
C PRO A 21 -0.41 20.91 23.49
N VAL A 22 -0.59 22.11 24.02
CA VAL A 22 0.27 23.22 23.60
C VAL A 22 1.72 23.01 23.92
N LYS A 23 1.99 22.09 24.84
CA LYS A 23 3.33 21.83 25.33
C LYS A 23 3.80 20.42 24.99
N TRP A 24 3.05 19.70 24.16
CA TRP A 24 3.50 18.41 23.72
C TRP A 24 4.89 18.45 23.09
N GLY A 25 6.16 17.60 23.12
CA GLY A 25 7.49 17.42 22.52
C GLY A 25 7.40 16.69 21.17
N GLY A 26 8.36 15.86 20.84
CA GLY A 26 8.37 15.22 19.53
C GLY A 26 8.27 16.29 18.44
N ASN A 27 7.52 15.93 17.40
CA ASN A 27 7.20 16.77 16.25
C ASN A 27 5.89 17.59 16.34
N CYS A 28 5.30 17.56 17.55
CA CYS A 28 3.98 18.15 17.81
C CYS A 28 3.94 19.65 17.66
N GLN A 29 5.12 20.29 17.67
CA GLN A 29 5.12 21.77 17.47
C GLN A 29 5.46 22.19 16.04
N LYS A 30 5.59 21.26 15.10
CA LYS A 30 5.95 21.60 13.68
C LYS A 30 4.74 22.03 12.88
N ASP A 31 4.84 22.01 11.55
CA ASP A 31 3.90 22.82 10.76
C ASP A 31 3.04 22.06 9.74
N ARG A 32 3.12 20.75 9.74
CA ARG A 32 2.20 19.93 8.92
C ARG A 32 1.46 19.02 9.95
N GLN A 33 0.86 19.65 10.94
CA GLN A 33 0.20 18.94 12.02
C GLN A 33 -1.32 18.66 11.77
N SER A 34 -1.85 17.71 12.51
CA SER A 34 -3.32 17.39 12.40
C SER A 34 -3.90 17.35 13.85
N PRO A 35 -5.24 17.48 14.01
CA PRO A 35 -6.24 17.59 12.95
C PRO A 35 -6.34 19.08 12.47
N ILE A 36 -7.17 19.30 11.47
CA ILE A 36 -7.41 20.63 10.92
C ILE A 36 -8.86 20.81 10.64
N ASN A 37 -9.22 22.09 10.44
CA ASN A 37 -10.50 22.43 9.88
C ASN A 37 -10.43 22.35 8.36
N ILE A 38 -11.43 21.70 7.82
CA ILE A 38 -11.54 21.50 6.36
C ILE A 38 -12.68 22.35 5.82
N VAL A 39 -12.33 23.40 5.11
CA VAL A 39 -13.30 24.28 4.46
C VAL A 39 -13.70 23.55 3.18
N THR A 40 -14.89 22.96 3.20
CA THR A 40 -15.21 22.00 2.13
C THR A 40 -15.21 22.62 0.72
N THR A 41 -15.62 23.90 0.61
CA THR A 41 -15.62 24.59 -0.68
C THR A 41 -14.23 24.95 -1.17
N LYS A 42 -13.25 24.96 -0.32
CA LYS A 42 -11.90 25.25 -0.81
C LYS A 42 -11.17 23.97 -1.15
N ALA A 43 -11.82 22.82 -0.98
CA ALA A 43 -11.14 21.54 -1.30
C ALA A 43 -11.50 21.24 -2.73
N LYS A 44 -10.53 21.22 -3.61
CA LYS A 44 -10.84 20.97 -5.03
C LYS A 44 -10.92 19.46 -5.33
N VAL A 45 -11.78 19.10 -6.27
CA VAL A 45 -11.96 17.72 -6.67
C VAL A 45 -10.67 17.33 -7.38
N ASP A 46 -10.17 16.15 -7.10
CA ASP A 46 -9.11 15.58 -7.84
C ASP A 46 -9.53 14.20 -8.26
N LYS A 47 -9.49 13.95 -9.57
CA LYS A 47 -9.95 12.68 -10.07
C LYS A 47 -8.99 11.51 -9.90
N LYS A 48 -7.74 11.79 -9.49
CA LYS A 48 -6.81 10.74 -9.01
C LYS A 48 -7.33 10.02 -7.75
N LEU A 49 -8.31 10.61 -7.07
CA LEU A 49 -8.82 10.05 -5.81
C LEU A 49 -9.97 9.05 -6.09
N GLY A 50 -9.62 7.77 -6.32
CA GLY A 50 -10.60 6.79 -6.72
C GLY A 50 -11.23 6.07 -5.54
N ARG A 51 -12.13 5.13 -5.80
CA ARG A 51 -12.69 4.39 -4.66
C ARG A 51 -11.59 3.63 -3.91
N PHE A 52 -11.80 3.47 -2.61
CA PHE A 52 -11.04 2.57 -1.79
C PHE A 52 -11.48 1.13 -2.05
N PHE A 53 -10.53 0.20 -1.93
CA PHE A 53 -10.86 -1.20 -1.91
C PHE A 53 -10.43 -1.70 -0.56
N PHE A 54 -11.21 -2.62 -0.01
CA PHE A 54 -10.94 -3.11 1.31
C PHE A 54 -10.67 -4.60 1.20
N SER A 55 -9.83 -5.11 2.09
CA SER A 55 -9.74 -6.52 2.13
C SER A 55 -9.38 -7.10 3.54
N GLY A 56 -10.03 -8.23 3.89
CA GLY A 56 -10.15 -8.70 5.34
C GLY A 56 -11.14 -7.86 6.20
N TYR A 57 -11.75 -6.87 5.59
CA TYR A 57 -12.69 -6.02 6.32
C TYR A 57 -13.95 -6.79 6.57
N ASP A 58 -14.24 -7.71 5.67
CA ASP A 58 -15.46 -8.55 5.72
C ASP A 58 -15.38 -9.69 6.73
N LYS A 59 -14.18 -10.07 7.13
CA LYS A 59 -14.02 -11.28 7.93
C LYS A 59 -14.41 -11.07 9.40
N LYS A 60 -15.32 -11.90 9.92
CA LYS A 60 -15.73 -11.87 11.32
C LYS A 60 -14.64 -12.44 12.19
N GLN A 61 -14.21 -11.68 13.20
CA GLN A 61 -13.04 -12.03 14.03
C GLN A 61 -13.38 -11.73 15.52
N THR A 62 -12.55 -12.22 16.46
CA THR A 62 -12.62 -11.74 17.87
C THR A 62 -11.37 -10.85 18.12
N TRP A 63 -11.52 -9.58 18.38
CA TRP A 63 -10.35 -8.69 18.35
C TRP A 63 -9.98 -8.42 19.78
N THR A 64 -8.72 -8.24 20.08
CA THR A 64 -8.33 -7.59 21.35
C THR A 64 -8.65 -6.08 21.32
N VAL A 65 -9.24 -5.54 22.39
CA VAL A 65 -9.49 -4.10 22.50
C VAL A 65 -9.01 -3.71 23.89
N GLN A 66 -8.38 -2.53 24.01
CA GLN A 66 -7.79 -2.15 25.25
C GLN A 66 -7.95 -0.70 25.56
N ASN A 67 -7.82 -0.37 26.84
CA ASN A 67 -7.79 1.03 27.32
C ASN A 67 -6.29 1.37 27.60
N ASN A 68 -5.72 2.27 26.81
CA ASN A 68 -4.28 2.56 26.98
C ASN A 68 -4.15 3.85 27.74
N GLY A 69 -5.23 4.27 28.44
CA GLY A 69 -5.19 5.56 29.09
C GLY A 69 -5.50 6.80 28.24
N HIS A 70 -5.55 6.66 26.93
CA HIS A 70 -5.86 7.83 26.09
C HIS A 70 -7.10 7.59 25.21
N SER A 71 -7.43 6.33 25.00
CA SER A 71 -8.52 6.00 24.06
C SER A 71 -8.86 4.53 24.26
N VAL A 72 -9.84 4.04 23.51
CA VAL A 72 -10.00 2.59 23.44
C VAL A 72 -9.43 2.18 22.08
N MET A 73 -8.58 1.14 22.09
CA MET A 73 -7.92 0.76 20.86
C MET A 73 -8.10 -0.73 20.55
N MET A 74 -8.54 -1.02 19.35
CA MET A 74 -8.57 -2.39 18.91
C MET A 74 -7.42 -2.76 18.04
N LEU A 75 -6.81 -3.93 18.29
CA LEU A 75 -5.53 -4.21 17.69
C LEU A 75 -5.82 -5.01 16.45
N LEU A 76 -5.41 -4.54 15.30
CA LEU A 76 -5.92 -5.16 14.06
C LEU A 76 -4.95 -6.18 13.47
N GLU A 77 -3.72 -6.11 13.90
CA GLU A 77 -2.71 -7.16 13.65
C GLU A 77 -2.50 -7.50 12.19
N ASN A 78 -2.60 -6.52 11.28
CA ASN A 78 -2.32 -6.77 9.84
C ASN A 78 -3.29 -7.78 9.27
N LYS A 79 -4.59 -7.89 10.06
CA LYS A 79 -5.54 -8.85 9.48
C LYS A 79 -6.38 -8.21 8.40
N ALA A 80 -6.17 -6.92 8.13
CA ALA A 80 -6.89 -6.32 7.00
C ALA A 80 -6.04 -5.26 6.35
N SER A 81 -6.48 -4.76 5.20
CA SER A 81 -5.71 -3.89 4.37
C SER A 81 -6.68 -3.09 3.45
N ILE A 82 -6.20 -1.97 2.93
CA ILE A 82 -6.92 -1.18 1.97
C ILE A 82 -5.94 -0.80 0.82
N SER A 83 -6.50 -0.41 -0.34
CA SER A 83 -5.75 0.14 -1.44
C SER A 83 -6.72 1.01 -2.23
N GLY A 84 -6.29 1.56 -3.37
CA GLY A 84 -7.09 2.61 -4.02
C GLY A 84 -7.10 3.87 -3.17
N GLY A 85 -8.15 4.69 -3.31
CA GLY A 85 -8.29 5.94 -2.53
C GLY A 85 -7.16 6.87 -2.82
N GLY A 86 -6.60 6.80 -4.03
CA GLY A 86 -5.42 7.62 -4.41
C GLY A 86 -4.11 7.14 -3.73
N LEU A 87 -4.13 6.07 -2.95
CA LEU A 87 -2.91 5.66 -2.21
C LEU A 87 -1.96 4.94 -3.17
N PRO A 88 -0.62 5.08 -2.95
CA PRO A 88 0.40 4.52 -3.82
C PRO A 88 0.64 3.01 -3.72
N ALA A 89 0.04 2.32 -2.74
CA ALA A 89 0.30 0.89 -2.45
C ALA A 89 -0.81 0.42 -1.52
N PRO A 90 -0.85 -0.90 -1.28
CA PRO A 90 -1.67 -1.37 -0.21
C PRO A 90 -1.12 -0.98 1.14
N TYR A 91 -2.05 -0.75 2.09
CA TYR A 91 -1.68 -0.38 3.48
C TYR A 91 -2.32 -1.38 4.39
N GLN A 92 -1.53 -1.94 5.34
CA GLN A 92 -2.04 -2.90 6.30
C GLN A 92 -2.56 -2.25 7.55
N ALA A 93 -3.72 -2.71 8.00
CA ALA A 93 -4.47 -2.10 9.12
C ALA A 93 -3.73 -2.48 10.39
N LYS A 94 -3.40 -1.52 11.24
CA LYS A 94 -2.64 -1.79 12.47
C LYS A 94 -3.53 -1.75 13.72
N GLN A 95 -4.39 -0.71 13.84
CA GLN A 95 -5.18 -0.54 15.08
C GLN A 95 -6.32 0.41 14.75
N LEU A 96 -7.40 0.39 15.55
CA LEU A 96 -8.46 1.38 15.31
C LEU A 96 -8.71 1.93 16.67
N HIS A 97 -8.89 3.27 16.80
CA HIS A 97 -9.26 3.83 18.11
C HIS A 97 -10.27 4.96 17.85
N LEU A 98 -10.74 5.59 18.91
CA LEU A 98 -11.70 6.70 18.73
C LEU A 98 -11.39 7.88 19.61
N HIS A 99 -11.99 9.03 19.28
CA HIS A 99 -11.88 10.23 20.06
C HIS A 99 -13.33 10.64 20.28
N TRP A 100 -13.65 11.19 21.45
CA TRP A 100 -15.12 11.48 21.66
C TRP A 100 -15.29 12.51 22.78
N SER A 101 -16.51 13.06 22.91
CA SER A 101 -16.88 13.82 24.08
C SER A 101 -18.16 13.22 24.68
N ASP A 102 -18.81 13.98 25.55
CA ASP A 102 -20.19 13.56 25.97
C ASP A 102 -21.23 14.60 25.46
N LEU A 103 -20.84 15.54 24.60
CA LEU A 103 -21.74 16.53 24.03
C LEU A 103 -21.57 16.46 22.52
N PRO A 104 -22.63 16.73 21.76
CA PRO A 104 -22.60 16.49 20.32
C PRO A 104 -21.66 17.31 19.42
N TYR A 105 -21.12 18.43 19.91
CA TYR A 105 -20.41 19.34 19.02
C TYR A 105 -18.94 19.41 19.37
N LYS A 106 -18.42 18.52 20.23
CA LYS A 106 -17.00 18.60 20.59
C LYS A 106 -16.12 17.30 20.69
N GLY A 107 -16.54 16.19 20.10
CA GLY A 107 -15.77 14.96 20.29
C GLY A 107 -14.94 14.61 19.06
N SER A 108 -15.10 15.32 17.94
CA SER A 108 -14.28 14.95 16.77
C SER A 108 -12.97 15.67 16.79
N GLU A 109 -11.98 15.14 16.10
CA GLU A 109 -10.77 15.96 16.00
C GLU A 109 -10.82 16.93 14.79
N HIS A 110 -11.06 16.38 13.62
CA HIS A 110 -11.28 17.23 12.51
C HIS A 110 -12.63 17.95 12.57
N SER A 111 -12.73 19.08 11.87
CA SER A 111 -14.01 19.67 11.73
C SER A 111 -14.30 19.93 10.27
N LEU A 112 -15.59 20.00 9.88
CA LEU A 112 -15.91 20.34 8.47
C LEU A 112 -16.62 21.69 8.45
N ASP A 113 -16.07 22.68 7.79
CA ASP A 113 -16.69 24.05 7.76
C ASP A 113 -16.94 24.51 9.20
N GLY A 114 -15.97 24.26 10.08
CA GLY A 114 -16.17 24.55 11.47
C GLY A 114 -17.07 23.73 12.34
N GLU A 115 -17.78 22.74 11.79
CA GLU A 115 -18.64 21.90 12.64
C GLU A 115 -17.88 20.67 13.09
N HIS A 116 -17.98 20.43 14.38
CA HIS A 116 -17.36 19.28 15.05
C HIS A 116 -18.49 18.28 15.24
N PHE A 117 -18.12 17.00 15.41
CA PHE A 117 -19.09 15.89 15.59
C PHE A 117 -18.91 15.22 16.94
N ALA A 118 -19.76 14.26 17.24
CA ALA A 118 -19.79 13.65 18.58
C ALA A 118 -18.59 12.72 18.80
N MET A 119 -18.08 12.10 17.72
CA MET A 119 -16.84 11.27 17.95
C MET A 119 -16.04 11.29 16.69
N GLU A 120 -14.83 10.74 16.79
CA GLU A 120 -14.14 10.48 15.51
C GLU A 120 -13.35 9.20 15.62
N MET A 121 -13.48 8.34 14.61
CA MET A 121 -12.87 7.05 14.65
C MET A 121 -11.71 7.05 13.66
N HIS A 122 -10.58 6.50 14.06
CA HIS A 122 -9.37 6.49 13.24
C HIS A 122 -8.91 5.07 13.02
N ILE A 123 -8.82 4.64 11.73
CA ILE A 123 -8.32 3.31 11.46
C ILE A 123 -6.96 3.54 10.84
N VAL A 124 -5.96 3.13 11.62
CA VAL A 124 -4.56 3.43 11.29
C VAL A 124 -3.94 2.28 10.47
N HIS A 125 -3.38 2.58 9.29
CA HIS A 125 -2.80 1.57 8.41
C HIS A 125 -1.35 1.99 8.07
N GLU A 126 -0.52 1.02 7.68
CA GLU A 126 0.87 1.32 7.34
C GLU A 126 1.20 0.87 5.93
N LYS A 127 1.89 1.71 5.18
CA LYS A 127 2.17 1.42 3.78
C LYS A 127 2.93 0.06 3.60
N GLU A 128 2.48 -0.77 2.68
CA GLU A 128 3.28 -1.92 2.38
C GLU A 128 4.51 -1.54 1.55
N LYS A 129 5.63 -2.13 1.90
CA LYS A 129 6.93 -1.82 1.28
C LYS A 129 7.15 -2.45 -0.13
N GLY A 130 7.90 -1.77 -0.99
CA GLY A 130 8.37 -2.43 -2.22
C GLY A 130 7.77 -1.79 -3.44
N THR A 131 6.90 -0.85 -3.22
CA THR A 131 6.25 -0.17 -4.34
C THR A 131 7.05 1.04 -4.84
N SER A 132 7.81 1.63 -3.94
CA SER A 132 8.63 2.75 -4.31
C SER A 132 9.53 2.38 -5.48
N PRO A 141 8.91 9.75 6.04
CA PRO A 141 8.30 9.82 4.68
C PRO A 141 6.77 10.00 4.81
N GLU A 142 6.22 10.85 3.95
CA GLU A 142 5.10 11.66 4.32
C GLU A 142 3.79 10.94 4.30
N ASP A 143 3.82 9.74 3.73
CA ASP A 143 2.62 8.95 3.49
C ASP A 143 2.83 7.50 3.94
N GLU A 144 3.77 7.31 4.87
CA GLU A 144 3.92 6.01 5.47
C GLU A 144 2.66 5.47 6.17
N ILE A 145 1.81 6.35 6.71
CA ILE A 145 0.67 5.90 7.52
C ILE A 145 -0.60 6.47 6.86
N ALA A 146 -1.59 5.62 6.61
CA ALA A 146 -2.84 6.06 6.04
C ALA A 146 -3.89 5.89 7.16
N VAL A 147 -4.48 6.99 7.62
CA VAL A 147 -5.52 6.92 8.67
C VAL A 147 -6.86 7.21 8.00
N LEU A 148 -7.84 6.31 8.21
CA LEU A 148 -9.20 6.52 7.71
C LEU A 148 -9.93 7.12 8.88
N ALA A 149 -10.58 8.29 8.65
CA ALA A 149 -11.16 8.99 9.79
C ALA A 149 -12.64 9.07 9.45
N PHE A 150 -13.44 8.60 10.39
CA PHE A 150 -14.88 8.66 10.24
C PHE A 150 -15.38 9.51 11.36
N LEU A 151 -16.23 10.49 11.00
CA LEU A 151 -16.93 11.34 11.94
C LEU A 151 -18.16 10.65 12.43
N VAL A 152 -18.55 10.86 13.69
CA VAL A 152 -19.69 10.10 14.28
C VAL A 152 -20.69 11.13 14.86
N GLU A 153 -22.00 10.96 14.58
CA GLU A 153 -23.01 11.81 15.21
C GLU A 153 -24.13 10.86 15.67
N ALA A 154 -24.95 11.30 16.63
CA ALA A 154 -26.12 10.52 17.00
C ALA A 154 -27.17 10.30 15.86
N GLY A 155 -27.86 9.16 15.90
CA GLY A 155 -28.98 8.94 14.95
C GLY A 155 -30.09 8.23 15.69
N THR A 156 -31.22 8.02 15.03
CA THR A 156 -32.38 7.43 15.81
C THR A 156 -32.19 5.96 16.07
N GLN A 157 -31.38 5.31 15.25
CA GLN A 157 -31.30 3.86 15.32
C GLN A 157 -30.02 3.35 16.05
N VAL A 158 -30.12 2.14 16.61
CA VAL A 158 -28.94 1.45 17.10
C VAL A 158 -28.08 1.04 15.95
N ASN A 159 -26.76 1.36 16.04
CA ASN A 159 -25.79 0.89 15.03
C ASN A 159 -25.33 -0.46 15.54
N GLU A 160 -25.89 -1.55 14.97
CA GLU A 160 -25.68 -2.90 15.58
C GLU A 160 -24.23 -3.34 15.40
N GLY A 161 -23.63 -2.88 14.30
CA GLY A 161 -22.22 -3.30 14.02
C GLY A 161 -21.29 -2.93 15.18
N PHE A 162 -21.60 -1.82 15.87
CA PHE A 162 -20.82 -1.32 17.01
C PHE A 162 -21.03 -2.01 18.34
N GLN A 163 -22.11 -2.83 18.42
CA GLN A 163 -22.46 -3.37 19.73
C GLN A 163 -21.41 -4.23 20.39
N PRO A 164 -20.71 -5.11 19.66
CA PRO A 164 -19.60 -5.79 20.31
C PRO A 164 -18.46 -4.86 20.79
N LEU A 165 -18.24 -3.74 20.13
CA LEU A 165 -17.21 -2.77 20.66
C LEU A 165 -17.74 -2.13 21.95
N VAL A 166 -18.97 -1.64 21.91
CA VAL A 166 -19.58 -0.99 23.05
C VAL A 166 -19.65 -1.90 24.27
N GLU A 167 -20.10 -3.15 24.04
CA GLU A 167 -20.24 -4.11 25.11
C GLU A 167 -18.87 -4.43 25.71
N ALA A 168 -17.83 -4.57 24.89
CA ALA A 168 -16.49 -4.84 25.48
C ALA A 168 -15.95 -3.69 26.35
N LEU A 169 -16.44 -2.49 26.13
CA LEU A 169 -15.98 -1.36 26.98
C LEU A 169 -16.12 -1.62 28.50
N SER A 170 -17.23 -2.31 28.91
CA SER A 170 -17.41 -2.73 30.38
C SER A 170 -16.21 -3.48 30.98
N ASN A 171 -15.46 -4.19 30.14
CA ASN A 171 -14.34 -5.00 30.63
C ASN A 171 -13.00 -4.28 30.66
N ILE A 172 -13.00 -3.03 30.18
CA ILE A 172 -11.76 -2.25 30.17
C ILE A 172 -11.96 -0.85 30.72
N PRO A 173 -12.53 -0.74 31.93
CA PRO A 173 -12.71 0.60 32.48
C PRO A 173 -11.41 1.37 32.76
N LYS A 174 -10.34 0.70 33.17
CA LYS A 174 -9.13 1.38 33.64
C LYS A 174 -8.02 1.28 32.57
N PRO A 175 -7.07 2.25 32.58
CA PRO A 175 -5.95 2.22 31.72
C PRO A 175 -5.15 0.90 31.89
N GLU A 176 -4.61 0.41 30.80
CA GLU A 176 -3.87 -0.82 30.75
C GLU A 176 -4.75 -2.10 30.83
N MET A 177 -6.07 -2.00 30.87
CA MET A 177 -6.90 -3.25 30.75
C MET A 177 -7.14 -3.64 29.31
N SER A 178 -7.15 -4.96 28.99
CA SER A 178 -7.60 -5.44 27.70
C SER A 178 -8.55 -6.55 27.80
N THR A 179 -9.26 -6.77 26.71
CA THR A 179 -10.30 -7.78 26.70
C THR A 179 -10.44 -8.24 25.25
N THR A 180 -11.32 -9.23 24.99
CA THR A 180 -11.55 -9.71 23.67
C THR A 180 -12.99 -9.40 23.34
N MET A 181 -13.24 -8.79 22.19
CA MET A 181 -14.60 -8.54 21.67
C MET A 181 -15.27 -9.81 21.14
N ALA A 182 -16.60 -9.89 21.22
CA ALA A 182 -17.36 -10.95 20.52
C ALA A 182 -17.13 -10.82 19.02
N GLU A 183 -17.35 -11.90 18.31
CA GLU A 183 -17.11 -11.96 16.85
C GLU A 183 -17.65 -10.71 16.17
N SER A 184 -16.86 -10.16 15.25
CA SER A 184 -17.19 -8.87 14.70
C SER A 184 -16.29 -8.65 13.48
N SER A 185 -16.72 -7.84 12.54
CA SER A 185 -15.90 -7.60 11.34
C SER A 185 -15.65 -6.09 11.30
N LEU A 186 -14.64 -5.66 10.59
CA LEU A 186 -14.37 -4.20 10.54
C LEU A 186 -15.48 -3.53 9.75
N LEU A 187 -15.96 -4.24 8.74
CA LEU A 187 -17.02 -3.72 7.89
C LEU A 187 -18.28 -3.37 8.73
N ASP A 188 -18.54 -4.13 9.81
CA ASP A 188 -19.63 -3.87 10.78
C ASP A 188 -19.48 -2.44 11.36
N LEU A 189 -18.24 -1.92 11.43
CA LEU A 189 -18.01 -0.54 11.90
C LEU A 189 -18.19 0.57 10.82
N LEU A 190 -18.23 0.20 9.55
CA LEU A 190 -18.16 1.22 8.53
C LEU A 190 -19.56 1.38 7.98
N PRO A 191 -19.85 2.51 7.33
CA PRO A 191 -21.14 2.67 6.70
C PRO A 191 -21.10 1.91 5.39
N LYS A 192 -22.24 1.89 4.69
CA LYS A 192 -22.33 1.25 3.37
C LYS A 192 -21.35 1.89 2.40
N GLU A 193 -20.91 1.10 1.44
CA GLU A 193 -19.91 1.55 0.48
C GLU A 193 -20.33 2.84 -0.29
N GLU A 194 -21.65 3.09 -0.48
CA GLU A 194 -22.12 4.38 -1.02
C GLU A 194 -21.71 5.63 -0.21
N LYS A 195 -21.67 5.50 1.10
CA LYS A 195 -21.21 6.56 1.97
C LYS A 195 -19.68 6.74 1.99
N LEU A 196 -18.95 5.94 1.20
CA LEU A 196 -17.51 5.98 1.23
C LEU A 196 -16.94 6.62 0.01
N ARG A 197 -17.82 7.05 -0.89
CA ARG A 197 -17.46 7.65 -2.13
C ARG A 197 -16.79 9.06 -1.97
N HIS A 198 -17.39 9.91 -1.14
CA HIS A 198 -16.92 11.24 -0.96
C HIS A 198 -16.03 11.39 0.29
N TYR A 199 -14.78 11.80 0.07
CA TYR A 199 -13.84 11.97 1.19
C TYR A 199 -12.92 13.11 0.86
N PHE A 200 -12.24 13.65 1.88
CA PHE A 200 -11.29 14.70 1.76
C PHE A 200 -9.92 14.06 2.07
N ARG A 201 -8.86 14.65 1.53
CA ARG A 201 -7.53 14.09 1.54
C ARG A 201 -6.51 15.23 1.81
N TYR A 202 -5.54 15.04 2.69
CA TYR A 202 -4.50 16.08 2.92
C TYR A 202 -3.38 15.31 3.66
N LEU A 203 -2.20 15.92 3.72
CA LEU A 203 -1.04 15.29 4.34
C LEU A 203 -0.83 15.93 5.65
N GLY A 204 -0.58 15.12 6.70
CA GLY A 204 -0.54 15.71 8.09
C GLY A 204 0.25 14.83 9.02
N SER A 205 -0.16 14.76 10.30
CA SER A 205 0.57 14.07 11.29
C SER A 205 -0.33 13.09 12.07
N LEU A 206 0.28 12.22 12.89
CA LEU A 206 -0.41 11.63 14.06
C LEU A 206 -0.89 12.74 14.98
N THR A 207 -2.02 12.50 15.67
CA THR A 207 -2.58 13.49 16.57
C THR A 207 -2.27 13.22 18.01
N THR A 208 -1.35 12.29 18.29
CA THR A 208 -0.81 12.28 19.68
C THR A 208 0.74 12.23 19.54
N PRO A 209 1.49 12.57 20.61
CA PRO A 209 3.00 12.51 20.51
C PRO A 209 3.39 11.18 19.98
N THR A 210 4.42 11.10 19.13
CA THR A 210 5.30 12.21 18.83
C THR A 210 4.83 12.98 17.56
N CYS A 211 3.57 12.78 17.15
CA CYS A 211 2.93 13.66 16.13
C CYS A 211 3.79 13.63 14.84
N ASP A 212 4.34 12.48 14.50
CA ASP A 212 5.16 12.40 13.31
C ASP A 212 4.36 12.82 12.10
N GLU A 213 5.04 13.61 11.25
CA GLU A 213 4.47 14.09 10.07
C GLU A 213 4.65 13.06 8.95
N LYS A 214 3.97 11.91 9.09
CA LYS A 214 4.04 10.89 8.04
C LYS A 214 2.68 10.32 7.66
N VAL A 215 1.61 11.11 7.87
CA VAL A 215 0.28 10.59 7.61
C VAL A 215 -0.33 11.13 6.35
N VAL A 216 -0.80 10.22 5.50
CA VAL A 216 -1.80 10.63 4.53
C VAL A 216 -3.27 10.45 5.09
N TRP A 217 -3.98 11.55 5.23
CA TRP A 217 -5.24 11.59 5.93
C TRP A 217 -6.34 11.34 4.93
N THR A 218 -7.39 10.61 5.38
CA THR A 218 -8.65 10.58 4.56
C THR A 218 -9.73 10.87 5.61
N VAL A 219 -10.55 11.89 5.36
CA VAL A 219 -11.74 12.17 6.20
C VAL A 219 -13.03 11.99 5.37
N PHE A 220 -13.81 10.97 5.67
CA PHE A 220 -15.00 10.77 4.90
C PHE A 220 -16.03 11.87 5.15
N ARG A 221 -16.71 12.27 4.11
CA ARG A 221 -17.59 13.39 4.26
C ARG A 221 -18.82 13.02 5.09
N GLU A 222 -19.26 11.80 5.02
CA GLU A 222 -20.54 11.49 5.65
C GLU A 222 -20.24 10.82 6.97
N PRO A 223 -20.82 11.30 8.07
CA PRO A 223 -20.60 10.70 9.39
C PRO A 223 -21.28 9.40 9.48
N ILE A 224 -20.72 8.54 10.27
CA ILE A 224 -21.33 7.33 10.77
C ILE A 224 -22.44 7.78 11.76
N GLN A 225 -23.49 6.98 11.93
CA GLN A 225 -24.45 7.28 13.01
C GLN A 225 -24.43 6.25 14.06
N LEU A 226 -24.42 6.66 15.30
CA LEU A 226 -24.68 5.72 16.35
C LEU A 226 -25.82 6.28 17.21
N HIS A 227 -26.49 5.38 17.93
CA HIS A 227 -27.46 5.79 18.92
C HIS A 227 -26.76 6.54 20.05
N ARG A 228 -27.47 7.52 20.60
CA ARG A 228 -26.88 8.36 21.62
C ARG A 228 -26.36 7.56 22.80
N GLU A 229 -26.96 6.42 23.11
CA GLU A 229 -26.49 5.70 24.27
C GLU A 229 -25.23 4.92 23.96
N GLN A 230 -25.09 4.53 22.71
CA GLN A 230 -23.83 3.94 22.23
C GLN A 230 -22.67 4.95 22.37
N ILE A 231 -22.88 6.18 21.94
CA ILE A 231 -21.83 7.23 22.06
C ILE A 231 -21.53 7.49 23.52
N LEU A 232 -22.60 7.70 24.35
CA LEU A 232 -22.42 7.96 25.76
C LEU A 232 -21.69 6.80 26.46
N ALA A 233 -21.86 5.56 25.99
CA ALA A 233 -21.17 4.47 26.70
C ALA A 233 -19.63 4.67 26.82
N PHE A 234 -19.06 5.46 25.91
CA PHE A 234 -17.60 5.54 25.92
C PHE A 234 -17.19 6.38 27.10
N SER A 235 -17.89 7.48 27.32
CA SER A 235 -17.56 8.28 28.47
C SER A 235 -18.12 7.74 29.82
N GLN A 236 -19.09 6.83 29.80
CA GLN A 236 -19.73 6.36 31.03
C GLN A 236 -19.00 5.13 31.53
N LYS A 237 -18.40 4.36 30.62
CA LYS A 237 -17.70 3.14 31.05
C LYS A 237 -16.18 3.22 31.17
N LEU A 238 -15.52 4.21 30.53
CA LEU A 238 -14.03 4.24 30.39
C LEU A 238 -13.45 5.34 31.25
N TYR A 239 -12.27 5.11 31.87
CA TYR A 239 -11.64 6.16 32.71
C TYR A 239 -10.19 6.47 32.28
N TYR A 240 -9.73 7.69 32.55
CA TYR A 240 -8.36 8.06 32.28
C TYR A 240 -7.46 7.54 33.40
N ASP A 241 -8.04 7.16 34.54
CA ASP A 241 -7.19 6.79 35.73
C ASP A 241 -7.49 5.45 36.31
N LYS A 242 -6.48 4.78 36.86
CA LYS A 242 -6.71 3.49 37.50
C LYS A 242 -7.67 3.77 38.64
N GLU A 243 -8.06 4.81 39.60
CA GLU A 243 -8.98 5.17 40.67
C GLU A 243 -10.36 5.42 40.08
N GLN A 244 -10.42 5.65 38.76
CA GLN A 244 -11.70 5.84 38.08
C GLN A 244 -12.41 7.08 38.62
N THR A 245 -11.67 8.17 38.70
CA THR A 245 -12.26 9.39 39.18
C THR A 245 -12.52 10.36 38.03
N VAL A 246 -11.92 10.07 36.88
CA VAL A 246 -12.01 10.99 35.76
C VAL A 246 -12.43 10.18 34.54
N SER A 247 -13.67 10.40 34.07
CA SER A 247 -14.20 9.72 32.96
C SER A 247 -13.38 10.10 31.71
N MET A 248 -13.08 9.09 30.90
CA MET A 248 -12.40 9.35 29.59
C MET A 248 -13.38 9.98 28.57
N LYS A 249 -13.14 11.22 28.19
CA LYS A 249 -13.91 11.94 27.20
C LYS A 249 -12.99 13.15 26.92
N ASP A 250 -13.29 13.84 25.82
CA ASP A 250 -12.60 14.97 25.42
C ASP A 250 -11.08 14.61 25.18
N ASN A 251 -10.86 13.35 24.74
CA ASN A 251 -9.51 12.90 24.36
C ASN A 251 -9.29 13.39 22.91
N VAL A 252 -9.25 14.72 22.79
CA VAL A 252 -9.20 15.40 21.50
C VAL A 252 -8.17 16.46 21.39
N ARG A 253 -7.29 16.30 20.41
CA ARG A 253 -6.25 17.28 20.17
C ARG A 253 -6.86 18.54 19.56
N PRO A 254 -6.48 19.75 20.07
CA PRO A 254 -6.90 20.97 19.35
C PRO A 254 -6.46 21.10 17.87
N LEU A 255 -7.20 21.92 17.19
CA LEU A 255 -7.11 22.12 15.76
C LEU A 255 -5.77 22.76 15.45
N GLN A 256 -5.13 22.31 14.38
CA GLN A 256 -3.83 22.75 14.00
C GLN A 256 -3.89 23.72 12.79
N GLN A 257 -2.81 24.44 12.54
CA GLN A 257 -2.86 25.30 11.33
C GLN A 257 -2.49 24.61 10.02
N LEU A 258 -3.35 24.88 9.05
CA LEU A 258 -3.27 24.31 7.71
C LEU A 258 -1.94 24.70 7.10
N GLY A 259 -1.56 25.94 7.38
CA GLY A 259 -0.33 26.51 6.83
C GLY A 259 -0.54 26.61 5.33
N GLN A 260 0.44 26.08 4.61
CA GLN A 260 0.49 26.18 3.14
C GLN A 260 -0.31 25.07 2.47
N ARG A 261 -0.56 23.99 3.22
CA ARG A 261 -1.15 22.79 2.72
C ARG A 261 -2.46 23.05 2.04
N THR A 262 -2.81 22.20 1.06
CA THR A 262 -4.21 22.20 0.62
C THR A 262 -4.88 20.87 0.89
N VAL A 263 -6.21 20.91 0.90
CA VAL A 263 -7.04 19.74 1.05
C VAL A 263 -7.68 19.49 -0.33
N ILE A 264 -7.73 18.22 -0.78
CA ILE A 264 -8.44 17.88 -2.00
C ILE A 264 -9.53 16.88 -1.63
N LYS A 265 -10.46 16.61 -2.54
CA LYS A 265 -11.58 15.70 -2.26
C LYS A 265 -11.89 14.82 -3.47
N SER A 266 -12.57 13.69 -3.29
CA SER A 266 -12.88 12.78 -4.43
C SER A 266 -14.15 13.26 -5.20
N TRP B 5 1.55 9.13 -17.89
CA TRP B 5 2.16 8.08 -18.87
C TRP B 5 1.35 6.83 -19.16
N CYS B 6 1.57 6.28 -20.36
CA CYS B 6 0.82 5.12 -20.77
C CYS B 6 1.59 4.28 -21.80
N TYR B 7 1.10 3.08 -22.08
CA TYR B 7 1.69 2.26 -23.15
C TYR B 7 1.01 2.58 -24.47
N GLU B 8 1.72 2.29 -25.57
CA GLU B 8 1.20 2.53 -26.94
C GLU B 8 -0.23 2.00 -27.08
N VAL B 9 -0.47 0.75 -26.71
CA VAL B 9 -1.81 0.10 -26.79
C VAL B 9 -2.96 0.94 -26.16
N GLN B 10 -2.69 1.69 -25.11
CA GLN B 10 -3.81 2.32 -24.43
C GLN B 10 -4.10 3.80 -24.87
N ALA B 11 -3.14 4.43 -25.55
CA ALA B 11 -3.42 5.67 -26.30
C ALA B 11 -4.51 5.39 -27.34
N GLU B 12 -4.36 4.24 -27.98
CA GLU B 12 -5.29 3.72 -28.97
C GLU B 12 -6.76 3.58 -28.51
N SER B 13 -6.99 3.23 -27.23
CA SER B 13 -8.30 3.55 -26.63
C SER B 13 -8.39 5.06 -26.24
N PRO B 17 -6.13 12.23 -21.64
CA PRO B 17 -5.19 11.76 -22.69
C PRO B 17 -3.83 11.31 -22.07
N CYS B 18 -2.90 10.78 -22.86
CA CYS B 18 -1.72 10.15 -22.22
C CYS B 18 -0.42 10.13 -23.00
N LEU B 19 0.68 10.14 -22.25
CA LEU B 19 2.01 10.10 -22.86
C LEU B 19 2.46 8.70 -23.29
N VAL B 20 2.44 8.43 -24.60
CA VAL B 20 2.97 7.17 -25.13
C VAL B 20 4.51 7.14 -24.97
N PRO B 21 5.13 5.95 -25.08
CA PRO B 21 6.57 5.79 -24.76
C PRO B 21 7.52 6.73 -25.51
N VAL B 22 7.35 6.93 -26.82
CA VAL B 22 8.25 7.86 -27.51
C VAL B 22 8.19 9.26 -26.90
N LYS B 23 7.06 9.55 -26.27
CA LYS B 23 6.86 10.85 -25.63
C LYS B 23 7.14 10.87 -24.13
N TRP B 24 7.55 9.75 -23.55
CA TRP B 24 7.69 9.75 -22.12
C TRP B 24 8.72 10.83 -21.72
N GLY B 25 8.44 11.45 -20.38
CA GLY B 25 9.68 12.29 -20.17
C GLY B 25 10.64 11.79 -19.10
N GLY B 26 10.97 12.68 -18.16
CA GLY B 26 11.96 12.35 -17.14
C GLY B 26 13.25 12.03 -17.90
N ASN B 27 13.83 10.89 -17.55
CA ASN B 27 15.05 10.40 -18.15
C ASN B 27 14.85 9.52 -19.37
N CYS B 28 13.61 9.40 -19.80
CA CYS B 28 13.22 8.29 -20.71
C CYS B 28 13.81 8.47 -22.14
N GLN B 29 14.41 9.62 -22.35
CA GLN B 29 14.89 10.04 -23.65
C GLN B 29 16.42 9.97 -23.71
N LYS B 30 17.05 9.58 -22.60
CA LYS B 30 18.50 9.56 -22.56
C LYS B 30 19.07 8.33 -23.25
N ASP B 31 20.35 8.03 -23.01
CA ASP B 31 21.08 7.15 -23.94
C ASP B 31 21.56 5.89 -23.32
N ARG B 32 21.20 5.65 -22.06
CA ARG B 32 21.49 4.33 -21.47
C ARG B 32 20.18 3.57 -21.03
N GLN B 33 19.24 3.50 -21.96
CA GLN B 33 17.92 2.96 -21.68
C GLN B 33 17.74 1.43 -21.87
N SER B 34 16.70 0.91 -21.24
CA SER B 34 16.25 -0.49 -21.36
C SER B 34 14.75 -0.50 -21.76
N PRO B 35 14.24 -1.58 -22.37
CA PRO B 35 14.91 -2.84 -22.70
C PRO B 35 15.78 -2.76 -23.99
N ILE B 36 16.50 -3.83 -24.31
CA ILE B 36 17.37 -3.85 -25.49
C ILE B 36 17.18 -5.19 -26.13
N ASN B 37 17.64 -5.34 -27.39
CA ASN B 37 17.78 -6.65 -27.99
C ASN B 37 19.23 -7.13 -27.68
N ILE B 38 19.39 -8.36 -27.32
CA ILE B 38 20.70 -8.90 -27.00
C ILE B 38 21.18 -9.80 -28.16
N VAL B 39 22.21 -9.36 -28.85
CA VAL B 39 22.85 -10.24 -29.82
C VAL B 39 23.74 -11.16 -29.03
N THR B 40 23.32 -12.40 -28.89
CA THR B 40 23.89 -13.33 -27.96
C THR B 40 25.35 -13.66 -28.27
N THR B 41 25.69 -13.72 -29.57
CA THR B 41 27.08 -14.08 -29.89
C THR B 41 28.05 -12.90 -29.78
N LYS B 42 27.54 -11.69 -29.58
CA LYS B 42 28.41 -10.54 -29.34
C LYS B 42 28.62 -10.21 -27.86
N ALA B 43 27.93 -10.95 -27.00
CA ALA B 43 28.13 -10.80 -25.56
C ALA B 43 29.30 -11.68 -25.15
N LYS B 44 30.34 -11.07 -24.65
CA LYS B 44 31.54 -11.85 -24.20
C LYS B 44 31.27 -12.59 -22.87
N VAL B 45 31.77 -13.84 -22.72
CA VAL B 45 31.81 -14.51 -21.41
C VAL B 45 32.72 -13.75 -20.44
N ASP B 46 32.21 -13.46 -19.25
CA ASP B 46 33.00 -12.90 -18.17
C ASP B 46 32.89 -13.85 -16.98
N LYS B 47 34.05 -14.39 -16.58
CA LYS B 47 34.11 -15.45 -15.57
C LYS B 47 33.81 -14.87 -14.17
N LYS B 48 33.98 -13.56 -14.02
CA LYS B 48 33.49 -12.84 -12.85
C LYS B 48 31.96 -13.00 -12.63
N LEU B 49 31.21 -13.36 -13.67
CA LEU B 49 29.77 -13.56 -13.52
C LEU B 49 29.47 -14.94 -13.07
N GLY B 50 29.49 -15.14 -11.74
CA GLY B 50 29.23 -16.45 -11.18
C GLY B 50 27.79 -16.60 -10.74
N ARG B 51 27.45 -17.78 -10.19
CA ARG B 51 26.08 -18.01 -9.77
C ARG B 51 25.53 -17.01 -8.75
N PHE B 52 24.22 -16.90 -8.81
CA PHE B 52 23.51 -16.02 -7.94
C PHE B 52 23.33 -16.76 -6.67
N PHE B 53 23.32 -16.07 -5.53
CA PHE B 53 22.76 -16.70 -4.32
C PHE B 53 21.51 -15.99 -3.84
N PHE B 54 20.56 -16.81 -3.37
CA PHE B 54 19.21 -16.36 -2.98
C PHE B 54 18.95 -16.57 -1.46
N SER B 55 18.47 -15.57 -0.77
CA SER B 55 17.99 -15.89 0.55
C SER B 55 16.56 -15.33 0.74
N GLY B 56 15.75 -16.07 1.47
CA GLY B 56 14.35 -15.75 1.59
C GLY B 56 13.57 -16.23 0.36
N TYR B 57 14.23 -16.78 -0.65
CA TYR B 57 13.46 -17.24 -1.82
C TYR B 57 12.70 -18.55 -1.53
N ASP B 58 13.06 -19.26 -0.45
CA ASP B 58 12.54 -20.61 -0.22
C ASP B 58 11.31 -20.68 0.72
N LYS B 59 11.20 -19.71 1.61
CA LYS B 59 10.16 -19.67 2.63
C LYS B 59 8.76 -19.43 2.06
N LYS B 60 7.79 -20.14 2.64
CA LYS B 60 6.42 -20.09 2.17
C LYS B 60 5.77 -18.93 2.86
N GLN B 61 4.98 -18.20 2.08
CA GLN B 61 4.51 -16.89 2.52
C GLN B 61 3.17 -16.62 1.78
N THR B 62 2.35 -15.72 2.31
CA THR B 62 1.17 -15.20 1.64
C THR B 62 1.53 -13.83 1.12
N TRP B 63 1.67 -13.68 -0.16
CA TRP B 63 2.14 -12.41 -0.62
C TRP B 63 0.97 -11.50 -0.98
N THR B 64 1.10 -10.20 -0.79
CA THR B 64 0.10 -9.28 -1.32
C THR B 64 0.40 -9.04 -2.82
N VAL B 65 -0.61 -9.10 -3.66
CA VAL B 65 -0.40 -8.81 -5.06
C VAL B 65 -1.40 -7.70 -5.47
N GLN B 66 -0.98 -6.74 -6.28
CA GLN B 66 -1.84 -5.63 -6.64
C GLN B 66 -1.81 -5.32 -8.13
N ASN B 67 -2.97 -4.92 -8.67
CA ASN B 67 -3.01 -4.45 -10.05
C ASN B 67 -2.68 -2.97 -9.94
N ASN B 68 -1.60 -2.47 -10.55
CA ASN B 68 -1.27 -1.04 -10.19
C ASN B 68 -1.68 -0.13 -11.34
N GLY B 69 -2.55 -0.64 -12.21
CA GLY B 69 -2.90 0.12 -13.39
C GLY B 69 -2.03 -0.11 -14.62
N HIS B 70 -0.83 -0.70 -14.40
CA HIS B 70 0.09 -0.91 -15.54
C HIS B 70 0.53 -2.37 -15.68
N SER B 71 0.34 -3.15 -14.61
CA SER B 71 0.89 -4.50 -14.46
C SER B 71 0.27 -5.08 -13.23
N VAL B 72 0.64 -6.29 -12.86
CA VAL B 72 0.28 -6.84 -11.58
C VAL B 72 1.63 -6.99 -10.85
N MET B 73 1.67 -6.58 -9.59
CA MET B 73 2.85 -6.54 -8.79
C MET B 73 2.64 -7.29 -7.46
N MET B 74 3.58 -8.19 -7.19
CA MET B 74 3.63 -8.89 -5.91
C MET B 74 4.65 -8.14 -5.04
N LEU B 75 4.20 -7.75 -3.83
CA LEU B 75 5.03 -6.90 -2.94
C LEU B 75 5.91 -7.84 -2.13
N LEU B 76 7.21 -7.71 -2.21
CA LEU B 76 8.09 -8.68 -1.58
C LEU B 76 8.57 -8.17 -0.23
N GLU B 77 8.42 -6.87 0.00
CA GLU B 77 8.54 -6.29 1.34
C GLU B 77 9.89 -6.57 2.04
N ASN B 78 11.02 -6.48 1.32
CA ASN B 78 12.38 -6.76 1.87
C ASN B 78 12.40 -8.07 2.71
N LYS B 79 11.58 -9.19 2.09
CA LYS B 79 11.46 -10.57 2.68
C LYS B 79 12.50 -11.50 2.05
N ALA B 80 13.33 -10.98 1.14
CA ALA B 80 14.25 -11.84 0.34
C ALA B 80 15.43 -11.05 -0.19
N SER B 81 16.50 -11.73 -0.65
CA SER B 81 17.64 -10.98 -1.18
C SER B 81 18.45 -11.90 -2.08
N ILE B 82 19.41 -11.30 -2.78
CA ILE B 82 20.32 -12.04 -3.67
C ILE B 82 21.73 -11.39 -3.49
N SER B 83 22.74 -12.21 -3.75
CA SER B 83 24.10 -11.73 -3.93
C SER B 83 24.67 -12.69 -4.98
N GLY B 84 25.99 -12.58 -5.28
CA GLY B 84 26.55 -13.40 -6.37
C GLY B 84 26.16 -12.78 -7.72
N GLY B 85 26.18 -13.54 -8.81
CA GLY B 85 25.64 -12.99 -10.08
C GLY B 85 26.52 -11.85 -10.53
N GLY B 86 27.73 -11.80 -9.97
CA GLY B 86 28.67 -10.74 -10.29
C GLY B 86 28.28 -9.41 -9.70
N LEU B 87 27.25 -9.43 -8.85
CA LEU B 87 26.85 -8.21 -8.12
C LEU B 87 27.92 -7.73 -7.09
N PRO B 88 28.03 -6.40 -6.89
CA PRO B 88 28.98 -5.81 -5.98
C PRO B 88 28.54 -5.87 -4.50
N ALA B 89 27.34 -6.35 -4.17
CA ALA B 89 26.84 -6.21 -2.80
C ALA B 89 25.56 -6.99 -2.76
N PRO B 90 24.97 -7.24 -1.58
CA PRO B 90 23.67 -7.94 -1.61
C PRO B 90 22.61 -6.94 -2.01
N TYR B 91 21.46 -7.40 -2.46
CA TYR B 91 20.43 -6.48 -2.89
C TYR B 91 19.18 -7.03 -2.29
N GLN B 92 18.36 -6.21 -1.67
CA GLN B 92 17.12 -6.82 -1.25
C GLN B 92 15.94 -6.68 -2.24
N ALA B 93 15.17 -7.74 -2.31
CA ALA B 93 13.89 -7.86 -3.04
C ALA B 93 12.84 -6.89 -2.63
N LYS B 94 12.41 -6.11 -3.61
CA LYS B 94 11.35 -5.11 -3.45
C LYS B 94 10.03 -5.60 -3.99
N GLN B 95 9.97 -6.02 -5.27
CA GLN B 95 8.69 -6.42 -5.86
C GLN B 95 8.92 -7.28 -7.06
N LEU B 96 7.88 -8.00 -7.46
CA LEU B 96 7.95 -8.82 -8.71
C LEU B 96 6.72 -8.39 -9.54
N HIS B 97 6.91 -8.20 -10.84
CA HIS B 97 5.76 -7.88 -11.70
C HIS B 97 6.04 -8.46 -13.05
N LEU B 98 5.07 -8.29 -13.98
CA LEU B 98 5.22 -8.88 -15.30
C LEU B 98 4.79 -7.89 -16.40
N HIS B 99 5.35 -8.12 -17.58
CA HIS B 99 4.94 -7.50 -18.85
C HIS B 99 4.57 -8.66 -19.78
N TRP B 100 3.61 -8.40 -20.65
CA TRP B 100 3.07 -9.48 -21.42
C TRP B 100 2.13 -8.95 -22.51
N SER B 101 1.69 -9.89 -23.33
CA SER B 101 0.75 -9.62 -24.41
C SER B 101 -0.28 -10.82 -24.43
N ASP B 102 -1.10 -10.87 -25.47
CA ASP B 102 -1.88 -12.03 -25.73
C ASP B 102 -1.30 -12.78 -26.96
N LEU B 103 -0.25 -12.25 -27.58
CA LEU B 103 0.44 -12.92 -28.70
C LEU B 103 1.85 -13.42 -28.30
N PRO B 104 2.28 -14.61 -28.80
CA PRO B 104 3.51 -15.25 -28.27
C PRO B 104 4.78 -14.46 -28.53
N TYR B 105 4.74 -13.50 -29.47
CA TYR B 105 5.96 -12.81 -29.90
C TYR B 105 5.96 -11.30 -29.67
N LYS B 106 5.05 -10.86 -28.80
CA LYS B 106 4.88 -9.44 -28.50
C LYS B 106 4.87 -9.09 -27.02
N GLY B 107 5.22 -10.03 -26.13
CA GLY B 107 5.04 -9.77 -24.69
C GLY B 107 6.26 -9.52 -23.83
N SER B 108 7.44 -9.72 -24.40
CA SER B 108 8.68 -9.56 -23.65
C SER B 108 9.21 -8.15 -23.89
N GLU B 109 9.95 -7.60 -22.92
CA GLU B 109 10.58 -6.34 -23.12
C GLU B 109 11.91 -6.52 -23.79
N HIS B 110 12.76 -7.40 -23.24
CA HIS B 110 14.01 -7.70 -23.90
C HIS B 110 13.70 -8.73 -25.04
N SER B 111 14.62 -8.83 -26.00
CA SER B 111 14.57 -9.84 -27.02
C SER B 111 15.99 -10.44 -27.15
N LEU B 112 16.04 -11.71 -27.50
CA LEU B 112 17.31 -12.38 -27.69
C LEU B 112 17.51 -12.68 -29.17
N ASP B 113 18.57 -12.16 -29.78
CA ASP B 113 18.77 -12.43 -31.24
C ASP B 113 17.51 -12.10 -32.07
N GLY B 114 16.81 -11.03 -31.68
CA GLY B 114 15.63 -10.63 -32.37
C GLY B 114 14.39 -11.44 -32.07
N GLU B 115 14.45 -12.47 -31.20
CA GLU B 115 13.26 -13.20 -30.88
C GLU B 115 12.62 -12.69 -29.57
N HIS B 116 11.28 -12.62 -29.58
CA HIS B 116 10.52 -11.98 -28.49
C HIS B 116 9.78 -13.09 -27.77
N PHE B 117 9.30 -12.87 -26.56
CA PHE B 117 8.58 -13.96 -25.90
C PHE B 117 7.21 -13.47 -25.50
N ALA B 118 6.42 -14.36 -24.90
CA ALA B 118 5.03 -14.06 -24.53
C ALA B 118 4.88 -13.13 -23.31
N MET B 119 5.82 -13.23 -22.37
CA MET B 119 5.83 -12.39 -21.16
C MET B 119 7.30 -12.17 -20.74
N GLU B 120 7.51 -11.22 -19.83
CA GLU B 120 8.85 -11.10 -19.23
C GLU B 120 8.51 -10.73 -17.77
N MET B 121 9.05 -11.54 -16.86
CA MET B 121 8.87 -11.32 -15.41
C MET B 121 10.11 -10.58 -14.85
N HIS B 122 9.87 -9.55 -14.03
CA HIS B 122 10.95 -8.74 -13.45
C HIS B 122 10.91 -8.80 -11.93
N ILE B 123 12.01 -9.26 -11.30
CA ILE B 123 12.13 -9.23 -9.81
C ILE B 123 13.10 -8.10 -9.45
N VAL B 124 12.54 -7.04 -8.87
CA VAL B 124 13.19 -5.79 -8.66
C VAL B 124 13.81 -5.79 -7.26
N HIS B 125 15.14 -5.55 -7.19
CA HIS B 125 15.92 -5.53 -5.93
C HIS B 125 16.67 -4.23 -5.82
N GLU B 126 17.03 -3.85 -4.60
CA GLU B 126 17.81 -2.60 -4.42
C GLU B 126 19.05 -2.83 -3.52
N LYS B 127 20.23 -2.35 -3.94
CA LYS B 127 21.49 -2.53 -3.22
C LYS B 127 21.28 -2.19 -1.72
N GLU B 128 21.95 -2.93 -0.85
CA GLU B 128 21.84 -2.63 0.60
C GLU B 128 22.78 -1.51 1.06
N PRO B 141 24.80 6.25 -8.80
CA PRO B 141 25.34 4.91 -9.03
C PRO B 141 24.43 4.17 -10.01
N GLU B 142 25.06 3.81 -11.11
CA GLU B 142 24.42 3.15 -12.19
C GLU B 142 23.90 1.75 -11.79
N ASP B 143 24.40 1.13 -10.69
CA ASP B 143 23.82 -0.18 -10.25
C ASP B 143 23.03 -0.21 -8.91
N GLU B 144 22.33 0.89 -8.62
CA GLU B 144 21.49 0.96 -7.40
C GLU B 144 20.40 -0.11 -7.34
N ILE B 145 19.77 -0.41 -8.48
CA ILE B 145 18.69 -1.40 -8.61
C ILE B 145 19.20 -2.56 -9.47
N ALA B 146 19.01 -3.80 -8.98
CA ALA B 146 19.27 -4.99 -9.80
C ALA B 146 17.90 -5.58 -10.16
N VAL B 147 17.59 -5.71 -11.46
CA VAL B 147 16.41 -6.47 -11.86
C VAL B 147 16.81 -7.77 -12.43
N LEU B 148 16.17 -8.85 -11.94
CA LEU B 148 16.23 -10.14 -12.58
C LEU B 148 15.04 -10.29 -13.53
N ALA B 149 15.38 -10.57 -14.79
CA ALA B 149 14.41 -10.69 -15.85
C ALA B 149 14.33 -12.10 -16.41
N PHE B 150 13.12 -12.66 -16.42
CA PHE B 150 12.88 -14.02 -16.92
C PHE B 150 11.92 -13.95 -18.09
N LEU B 151 12.32 -14.47 -19.23
CA LEU B 151 11.42 -14.53 -20.39
C LEU B 151 10.49 -15.71 -20.21
N VAL B 152 9.26 -15.56 -20.72
CA VAL B 152 8.26 -16.59 -20.53
C VAL B 152 7.67 -17.00 -21.92
N GLU B 153 7.49 -18.30 -22.17
CA GLU B 153 6.77 -18.76 -23.40
C GLU B 153 5.79 -19.85 -22.99
N ALA B 154 4.85 -20.19 -23.86
CA ALA B 154 3.91 -21.28 -23.62
C ALA B 154 4.64 -22.63 -23.64
N GLY B 155 4.26 -23.53 -22.75
CA GLY B 155 4.75 -24.96 -22.77
C GLY B 155 3.50 -25.84 -22.70
N THR B 156 3.68 -27.17 -22.63
CA THR B 156 2.52 -28.06 -22.62
C THR B 156 1.88 -28.28 -21.27
N GLN B 157 2.70 -28.15 -20.22
CA GLN B 157 2.26 -28.42 -18.85
C GLN B 157 1.79 -27.13 -18.12
N VAL B 158 0.91 -27.26 -17.14
CA VAL B 158 0.62 -26.18 -16.23
C VAL B 158 1.88 -25.94 -15.39
N ASN B 159 2.31 -24.71 -15.25
CA ASN B 159 3.37 -24.43 -14.28
C ASN B 159 2.72 -24.26 -12.92
N GLU B 160 2.85 -25.29 -12.08
CA GLU B 160 2.12 -25.36 -10.83
C GLU B 160 2.59 -24.25 -9.90
N GLY B 161 3.91 -24.01 -9.89
CA GLY B 161 4.44 -22.97 -9.02
C GLY B 161 3.81 -21.59 -9.24
N PHE B 162 3.31 -21.35 -10.47
CA PHE B 162 2.61 -20.11 -10.86
C PHE B 162 1.14 -20.07 -10.49
N GLN B 163 0.56 -21.22 -10.17
CA GLN B 163 -0.91 -21.24 -9.95
C GLN B 163 -1.47 -20.27 -8.89
N PRO B 164 -0.80 -20.12 -7.74
CA PRO B 164 -1.26 -19.11 -6.79
C PRO B 164 -1.34 -17.68 -7.37
N LEU B 165 -0.31 -17.27 -8.12
CA LEU B 165 -0.32 -15.96 -8.76
C LEU B 165 -1.46 -15.92 -9.78
N VAL B 166 -1.58 -16.95 -10.61
CA VAL B 166 -2.57 -16.91 -11.68
C VAL B 166 -3.99 -16.79 -11.09
N GLU B 167 -4.26 -17.52 -10.01
CA GLU B 167 -5.55 -17.50 -9.37
C GLU B 167 -5.79 -16.19 -8.64
N ALA B 168 -4.76 -15.54 -8.11
CA ALA B 168 -4.97 -14.24 -7.47
C ALA B 168 -5.54 -13.21 -8.46
N LEU B 169 -5.14 -13.31 -9.73
CA LEU B 169 -5.61 -12.36 -10.78
C LEU B 169 -7.10 -12.17 -10.83
N SER B 170 -7.87 -13.23 -10.60
CA SER B 170 -9.34 -13.10 -10.66
C SER B 170 -9.88 -12.08 -9.65
N ASN B 171 -9.10 -11.79 -8.61
CA ASN B 171 -9.60 -10.95 -7.55
C ASN B 171 -9.15 -9.53 -7.70
N ILE B 172 -8.32 -9.20 -8.68
CA ILE B 172 -7.82 -7.79 -8.87
C ILE B 172 -8.00 -7.26 -10.33
N PRO B 173 -9.19 -7.43 -10.88
CA PRO B 173 -9.46 -6.94 -12.25
C PRO B 173 -9.18 -5.46 -12.48
N LYS B 174 -9.55 -4.60 -11.50
CA LYS B 174 -9.50 -3.13 -11.67
C LYS B 174 -8.21 -2.53 -11.10
N PRO B 175 -7.73 -1.43 -11.71
CA PRO B 175 -6.53 -0.72 -11.23
C PRO B 175 -6.67 -0.53 -9.68
N GLU B 176 -5.57 -0.71 -8.92
CA GLU B 176 -5.51 -0.50 -7.48
C GLU B 176 -6.03 -1.61 -6.63
N MET B 177 -6.79 -2.57 -7.21
CA MET B 177 -7.29 -3.61 -6.38
C MET B 177 -6.10 -4.45 -5.89
N SER B 178 -6.20 -5.00 -4.68
CA SER B 178 -5.12 -5.87 -4.15
C SER B 178 -5.73 -7.11 -3.52
N THR B 179 -4.93 -8.17 -3.42
CA THR B 179 -5.42 -9.41 -2.85
C THR B 179 -4.26 -10.14 -2.21
N THR B 180 -4.58 -11.23 -1.50
CA THR B 180 -3.59 -12.03 -0.83
C THR B 180 -3.43 -13.35 -1.61
N MET B 181 -2.21 -13.60 -2.12
CA MET B 181 -1.95 -14.92 -2.72
C MET B 181 -1.89 -16.01 -1.65
N ALA B 182 -2.36 -17.19 -1.99
CA ALA B 182 -2.19 -18.38 -1.18
C ALA B 182 -0.70 -18.71 -1.03
N GLU B 183 -0.38 -19.49 0.00
CA GLU B 183 1.01 -19.75 0.38
C GLU B 183 1.81 -20.20 -0.83
N SER B 184 2.97 -19.59 -1.02
CA SER B 184 3.80 -19.91 -2.19
C SER B 184 5.18 -19.31 -1.92
N SER B 185 6.22 -19.75 -2.66
CA SER B 185 7.55 -19.20 -2.37
C SER B 185 7.98 -18.55 -3.63
N LEU B 186 8.99 -17.66 -3.54
CA LEU B 186 9.46 -17.00 -4.75
C LEU B 186 10.02 -18.03 -5.61
N LEU B 187 10.65 -19.03 -4.97
CA LEU B 187 11.27 -20.10 -5.72
C LEU B 187 10.24 -20.82 -6.54
N ASP B 188 9.00 -20.87 -6.11
CA ASP B 188 7.96 -21.54 -6.89
C ASP B 188 7.83 -20.91 -8.30
N LEU B 189 8.29 -19.65 -8.43
CA LEU B 189 8.15 -18.89 -9.72
C LEU B 189 9.42 -18.98 -10.59
N LEU B 190 10.59 -19.21 -10.00
CA LEU B 190 11.83 -19.38 -10.76
C LEU B 190 11.98 -20.84 -11.33
N PRO B 191 12.70 -21.01 -12.43
CA PRO B 191 13.04 -22.38 -12.85
C PRO B 191 14.07 -23.01 -11.89
N LYS B 192 14.43 -24.27 -12.13
CA LYS B 192 15.47 -24.96 -11.34
C LYS B 192 16.80 -24.20 -11.42
N GLU B 193 17.66 -24.38 -10.42
CA GLU B 193 18.88 -23.62 -10.37
C GLU B 193 19.82 -23.93 -11.56
N GLU B 194 19.65 -25.04 -12.28
CA GLU B 194 20.44 -25.25 -13.51
C GLU B 194 19.99 -24.35 -14.66
N LYS B 195 18.73 -23.96 -14.67
CA LYS B 195 18.32 -23.03 -15.71
C LYS B 195 18.74 -21.60 -15.35
N LEU B 196 19.44 -21.42 -14.24
CA LEU B 196 19.86 -20.08 -13.86
C LEU B 196 21.34 -19.82 -14.11
N ARG B 197 22.02 -20.78 -14.72
CA ARG B 197 23.47 -20.65 -14.87
C ARG B 197 23.84 -19.73 -16.00
N HIS B 198 23.05 -19.67 -17.07
CA HIS B 198 23.39 -18.74 -18.20
C HIS B 198 22.54 -17.50 -18.21
N TYR B 199 23.18 -16.34 -18.17
CA TYR B 199 22.46 -15.06 -18.16
C TYR B 199 23.31 -13.97 -18.76
N PHE B 200 22.65 -12.90 -19.26
CA PHE B 200 23.29 -11.75 -19.90
C PHE B 200 23.21 -10.64 -18.90
N ARG B 201 24.15 -9.73 -18.96
CA ARG B 201 24.25 -8.64 -18.04
C ARG B 201 24.62 -7.38 -18.76
N TYR B 202 23.99 -6.27 -18.44
CA TYR B 202 24.42 -4.97 -18.97
C TYR B 202 23.85 -3.92 -18.03
N LEU B 203 24.23 -2.66 -18.19
CA LEU B 203 23.71 -1.56 -17.39
C LEU B 203 22.68 -0.73 -18.16
N GLY B 204 21.59 -0.38 -17.51
CA GLY B 204 20.48 0.33 -18.19
C GLY B 204 19.56 1.07 -17.25
N SER B 205 18.27 1.08 -17.58
CA SER B 205 17.31 1.93 -16.89
C SER B 205 16.09 1.17 -16.42
N LEU B 206 15.21 1.82 -15.63
CA LEU B 206 13.87 1.34 -15.49
C LEU B 206 13.16 1.31 -16.83
N THR B 207 12.21 0.42 -17.03
CA THR B 207 11.54 0.38 -18.30
C THR B 207 10.21 1.08 -18.28
N THR B 208 9.99 1.89 -17.25
CA THR B 208 8.80 2.76 -17.10
C THR B 208 9.32 4.12 -16.60
N PRO B 209 8.55 5.21 -16.80
CA PRO B 209 8.96 6.46 -16.19
C PRO B 209 9.19 6.27 -14.71
N THR B 210 10.19 6.97 -14.16
CA THR B 210 10.94 7.97 -14.88
C THR B 210 12.18 7.42 -15.56
N CYS B 211 12.27 6.11 -15.79
CA CYS B 211 13.38 5.54 -16.63
C CYS B 211 14.78 5.85 -16.14
N ASP B 212 14.96 6.04 -14.82
CA ASP B 212 16.27 6.22 -14.23
C ASP B 212 17.32 5.21 -14.67
N GLU B 213 18.48 5.73 -15.05
CA GLU B 213 19.60 4.91 -15.48
C GLU B 213 20.43 4.45 -14.31
N LYS B 214 19.83 3.59 -13.49
CA LYS B 214 20.50 3.12 -12.31
C LYS B 214 20.25 1.65 -12.09
N VAL B 215 19.95 0.93 -13.17
CA VAL B 215 19.69 -0.51 -13.09
C VAL B 215 20.81 -1.38 -13.64
N VAL B 216 21.24 -2.35 -12.84
CA VAL B 216 22.01 -3.42 -13.38
C VAL B 216 21.11 -4.58 -13.77
N TRP B 217 21.07 -4.91 -15.06
CA TRP B 217 20.13 -5.90 -15.60
C TRP B 217 20.72 -7.25 -15.66
N THR B 218 19.88 -8.25 -15.36
CA THR B 218 20.17 -9.65 -15.56
C THR B 218 18.99 -10.28 -16.37
N VAL B 219 19.30 -10.81 -17.57
CA VAL B 219 18.32 -11.49 -18.39
C VAL B 219 18.81 -12.93 -18.52
N PHE B 220 18.03 -13.90 -18.02
CA PHE B 220 18.40 -15.28 -18.07
C PHE B 220 18.04 -15.83 -19.43
N ARG B 221 18.90 -16.71 -19.94
CA ARG B 221 18.85 -17.11 -21.34
C ARG B 221 17.65 -18.03 -21.65
N GLU B 222 17.40 -18.95 -20.71
CA GLU B 222 16.34 -19.91 -20.83
C GLU B 222 15.00 -19.38 -20.32
N PRO B 223 13.97 -19.50 -21.11
CA PRO B 223 12.67 -18.97 -20.69
C PRO B 223 11.95 -19.88 -19.68
N ILE B 224 11.10 -19.28 -18.86
CA ILE B 224 10.17 -20.04 -18.04
C ILE B 224 9.05 -20.57 -18.94
N GLN B 225 8.51 -21.72 -18.62
CA GLN B 225 7.34 -22.18 -19.33
C GLN B 225 6.03 -22.14 -18.53
N LEU B 226 5.00 -21.52 -19.10
CA LEU B 226 3.65 -21.51 -18.53
C LEU B 226 2.73 -22.15 -19.56
N HIS B 227 1.65 -22.76 -19.13
CA HIS B 227 0.63 -23.19 -20.07
C HIS B 227 0.02 -21.94 -20.73
N ARG B 228 -0.43 -22.11 -21.97
CA ARG B 228 -1.06 -21.07 -22.75
C ARG B 228 -2.10 -20.36 -21.91
N GLU B 229 -2.89 -21.12 -21.16
CA GLU B 229 -3.95 -20.52 -20.35
C GLU B 229 -3.47 -19.75 -19.11
N GLN B 230 -2.39 -20.19 -18.48
CA GLN B 230 -1.81 -19.32 -17.43
C GLN B 230 -1.40 -17.96 -18.00
N ILE B 231 -0.85 -17.95 -19.19
CA ILE B 231 -0.40 -16.69 -19.79
C ILE B 231 -1.59 -15.82 -20.19
N LEU B 232 -2.60 -16.40 -20.84
CA LEU B 232 -3.84 -15.64 -21.23
C LEU B 232 -4.60 -15.03 -20.05
N ALA B 233 -4.59 -15.74 -18.91
CA ALA B 233 -5.24 -15.30 -17.73
C ALA B 233 -4.87 -13.85 -17.41
N PHE B 234 -3.62 -13.46 -17.67
CA PHE B 234 -3.11 -12.12 -17.39
C PHE B 234 -3.83 -11.08 -18.23
N SER B 235 -4.14 -11.39 -19.50
CA SER B 235 -4.83 -10.41 -20.29
C SER B 235 -6.38 -10.63 -20.27
N GLN B 236 -6.85 -11.74 -19.72
CA GLN B 236 -8.28 -11.97 -19.59
C GLN B 236 -8.85 -11.47 -18.29
N LYS B 237 -8.05 -11.40 -17.24
CA LYS B 237 -8.61 -11.06 -15.96
C LYS B 237 -8.28 -9.66 -15.49
N LEU B 238 -7.29 -9.03 -16.11
CA LEU B 238 -6.81 -7.75 -15.62
C LEU B 238 -7.18 -6.70 -16.67
N TYR B 239 -7.46 -5.48 -16.21
CA TYR B 239 -7.86 -4.36 -17.07
C TYR B 239 -7.06 -3.13 -16.71
N TYR B 240 -6.81 -2.30 -17.71
CA TYR B 240 -6.25 -0.98 -17.57
C TYR B 240 -7.18 0.06 -16.98
N ASP B 241 -8.47 -0.23 -16.97
CA ASP B 241 -9.47 0.77 -16.48
C ASP B 241 -10.46 0.22 -15.48
N LYS B 242 -10.95 1.08 -14.61
CA LYS B 242 -11.84 0.68 -13.55
C LYS B 242 -13.13 0.23 -14.20
N GLU B 243 -13.73 0.62 -15.48
CA GLU B 243 -14.91 0.19 -16.25
C GLU B 243 -14.71 -1.24 -16.81
N GLN B 244 -13.49 -1.77 -16.66
CA GLN B 244 -13.17 -3.10 -17.17
C GLN B 244 -13.55 -3.21 -18.68
N THR B 245 -13.14 -2.27 -19.51
CA THR B 245 -13.37 -2.45 -20.91
C THR B 245 -12.06 -2.59 -21.73
N VAL B 246 -10.91 -2.18 -21.16
CA VAL B 246 -9.63 -2.25 -21.86
C VAL B 246 -8.75 -3.33 -21.20
N SER B 247 -8.62 -4.46 -21.88
CA SER B 247 -7.84 -5.56 -21.39
C SER B 247 -6.38 -5.12 -21.14
N MET B 248 -5.81 -5.50 -19.99
CA MET B 248 -4.40 -5.16 -19.71
C MET B 248 -3.50 -6.11 -20.52
N LYS B 249 -2.70 -5.59 -21.47
CA LYS B 249 -1.82 -6.40 -22.30
C LYS B 249 -1.05 -5.42 -23.08
N ASP B 250 0.05 -5.88 -23.66
CA ASP B 250 0.98 -5.05 -24.36
C ASP B 250 1.53 -3.94 -23.48
N ASN B 251 1.72 -4.24 -22.19
CA ASN B 251 2.32 -3.29 -21.29
C ASN B 251 3.89 -3.40 -21.37
N VAL B 252 4.39 -3.10 -22.57
CA VAL B 252 5.78 -3.41 -22.96
C VAL B 252 6.37 -2.15 -23.53
N ARG B 253 7.54 -1.76 -23.08
CA ARG B 253 8.20 -0.59 -23.63
C ARG B 253 8.97 -1.03 -24.87
N PRO B 254 8.93 -0.21 -25.97
CA PRO B 254 9.70 -0.51 -27.15
C PRO B 254 11.23 -0.58 -26.94
N LEU B 255 11.91 -1.25 -27.87
CA LEU B 255 13.29 -1.56 -27.68
C LEU B 255 14.11 -0.30 -27.75
N GLN B 256 15.11 -0.19 -26.89
CA GLN B 256 15.98 0.94 -26.94
C GLN B 256 17.33 0.53 -27.55
N GLN B 257 18.17 1.52 -27.91
CA GLN B 257 19.50 1.26 -28.51
C GLN B 257 20.61 1.03 -27.45
N LEU B 258 21.37 -0.03 -27.67
CA LEU B 258 22.54 -0.34 -26.89
C LEU B 258 23.45 0.83 -26.84
N GLY B 259 23.56 1.51 -27.99
CA GLY B 259 24.47 2.67 -28.07
C GLY B 259 25.89 2.14 -27.83
N GLN B 260 26.64 2.74 -26.91
CA GLN B 260 28.04 2.32 -26.73
C GLN B 260 28.27 1.10 -25.87
N ARG B 261 27.31 0.81 -24.99
CA ARG B 261 27.40 -0.26 -23.98
C ARG B 261 27.72 -1.63 -24.55
N THR B 262 28.33 -2.48 -23.72
CA THR B 262 28.42 -3.87 -24.08
C THR B 262 27.47 -4.72 -23.21
N VAL B 263 27.11 -5.89 -23.69
CA VAL B 263 26.46 -6.87 -22.89
C VAL B 263 27.54 -7.91 -22.64
N ILE B 264 27.60 -8.46 -21.41
CA ILE B 264 28.40 -9.65 -21.07
C ILE B 264 27.50 -10.81 -20.70
N LYS B 265 28.06 -12.00 -20.67
CA LYS B 265 27.33 -13.17 -20.24
C LYS B 265 28.14 -14.03 -19.24
N SER B 266 27.45 -14.95 -18.55
CA SER B 266 28.12 -15.83 -17.59
C SER B 266 28.73 -17.00 -18.35
ZN ZN C . -6.71 9.16 16.63
O14 AG5 D . -0.98 5.05 18.94
C1 AG5 D . -1.29 6.24 18.71
N15 AG5 D . -1.17 7.20 19.68
C16 AG5 D . -0.73 6.91 21.09
C17 AG5 D . -1.88 6.31 21.91
C18 AG5 D . -3.26 6.89 21.55
C24 AG5 D . -3.99 6.25 20.62
C25 AG5 D . -5.17 6.73 20.25
C26 AG5 D . -5.70 7.87 20.75
C27 AG5 D . -5.02 8.54 21.73
C28 AG5 D . -3.78 8.02 22.11
C6 AG5 D . -1.73 6.64 17.31
C7 AG5 D . -2.56 7.72 17.03
C5 AG5 D . -1.13 5.94 16.26
N4 AG5 D . -1.42 6.21 15.02
C3 AG5 D . -2.26 7.18 14.73
C2 AG5 D . -2.87 7.92 15.73
S8 AG5 D . -3.99 9.20 15.19
O11 AG5 D . -3.11 10.22 14.64
O12 AG5 D . -4.94 8.55 14.32
N9 AG5 D . -4.79 9.81 16.56
S10 AG5 D . 0.05 4.64 16.62
C13 AG5 D . 0.66 4.00 15.12
C19 AG5 D . 1.46 4.84 14.32
C20 AG5 D . 1.99 4.32 13.15
C21 AG5 D . 1.71 2.99 12.78
C22 AG5 D . 0.92 2.18 13.59
C23 AG5 D . 0.39 2.66 14.79
ZN ZN E . 9.34 -4.40 -15.47
O14 AG5 F . 7.44 0.05 -10.33
C1 AG5 F . 7.95 0.34 -11.40
N15 AG5 F . 7.41 1.16 -12.30
C16 AG5 F . 6.15 1.90 -12.06
C17 AG5 F . 4.87 1.04 -12.24
C18 AG5 F . 4.98 -0.21 -13.07
C24 AG5 F . 5.52 -1.36 -12.56
C25 AG5 F . 5.61 -2.48 -13.36
C26 AG5 F . 5.19 -2.48 -14.68
C27 AG5 F . 4.59 -1.34 -15.20
C28 AG5 F . 4.50 -0.21 -14.36
C6 AG5 F . 9.21 -0.33 -11.68
C7 AG5 F . 9.52 -0.93 -12.91
C5 AG5 F . 10.16 -0.30 -10.61
N4 AG5 F . 11.33 -0.88 -10.78
C3 AG5 F . 11.67 -1.48 -11.90
C2 AG5 F . 10.78 -1.51 -12.99
S8 AG5 F . 11.35 -2.37 -14.39
O11 AG5 F . 12.40 -1.56 -14.99
O12 AG5 F . 11.68 -3.70 -13.93
N9 AG5 F . 10.01 -2.55 -15.41
S10 AG5 F . 9.67 0.54 -9.07
C13 AG5 F . 11.08 0.41 -8.07
C19 AG5 F . 12.19 1.14 -8.45
C20 AG5 F . 13.33 1.09 -7.64
C21 AG5 F . 13.31 0.31 -6.51
C22 AG5 F . 12.15 -0.38 -6.10
C23 AG5 F . 10.98 -0.38 -6.87
#